data_5R64
#
_entry.id   5R64
#
_cell.length_a   59.850
_cell.length_b   59.850
_cell.length_c   215.190
_cell.angle_alpha   90.000
_cell.angle_beta   90.000
_cell.angle_gamma   120.000
#
_symmetry.space_group_name_H-M   'P 32 2 1'
#
loop_
_entity.id
_entity.type
_entity.pdbx_description
1 polymer 'Cleavage and polyadenylation specificity factor subunit 5'
2 non-polymer 'ZINC ION'
3 non-polymer 'ACETATE ION'
4 non-polymer "N-[(2S)-2-hydroxypropyl]-N'-phenylurea"
5 water water
#
_entity_poly.entity_id   1
_entity_poly.type   'polypeptide(L)'
_entity_poly.pdbx_seq_one_letter_code
;SMLERTINLYPLTNYTFGTKEPLYEKDSSVAARFQRMREEFDKIGMRRTVEGVLIVHEHRLPHVLLLQLGTTFFKLPGGE
LNPGEDEVEGLKRLMTEILGRQDGVLQDWVIDDCIGNWWRPNFEPPQYPYIPAHITKPKEHKKLFLVQLQEKALFAVPKN
YKLVAAPLFELYDNAPGYGPIISSLPQLLSRFNFIYN
;
_entity_poly.pdbx_strand_id   A,B
#
# COMPACT_ATOMS: atom_id res chain seq x y z
N SER A 1 27.70 -39.22 -8.90
CA SER A 1 28.42 -37.89 -8.94
C SER A 1 27.77 -36.94 -9.96
N MET A 2 26.43 -36.91 -9.95
CA MET A 2 25.62 -35.76 -10.44
C MET A 2 24.73 -35.32 -9.28
N LEU A 3 25.23 -34.39 -8.44
CA LEU A 3 24.54 -33.83 -7.24
C LEU A 3 24.04 -32.39 -7.45
N GLU A 4 24.33 -31.77 -8.60
CA GLU A 4 23.89 -30.38 -8.95
C GLU A 4 22.42 -30.41 -9.41
N ARG A 5 21.68 -29.41 -8.97
CA ARG A 5 20.33 -29.08 -9.47
C ARG A 5 20.42 -28.58 -10.92
N THR A 6 19.62 -29.14 -11.83
CA THR A 6 19.56 -28.69 -13.25
C THR A 6 18.51 -27.57 -13.45
N ILE A 7 18.86 -26.46 -14.12
CA ILE A 7 17.95 -25.26 -14.30
C ILE A 7 17.92 -24.86 -15.77
N ASN A 8 16.74 -24.77 -16.36
CA ASN A 8 16.61 -24.29 -17.78
C ASN A 8 16.71 -22.77 -17.81
N LEU A 9 17.59 -22.23 -18.67
CA LEU A 9 17.67 -20.79 -19.07
C LEU A 9 17.19 -20.59 -20.51
N TYR A 10 16.55 -19.44 -20.78
CA TYR A 10 16.05 -19.08 -22.13
C TYR A 10 16.68 -17.75 -22.56
N PRO A 11 16.77 -17.46 -23.88
CA PRO A 11 17.30 -16.19 -24.34
C PRO A 11 16.49 -14.98 -23.86
N LEU A 12 17.15 -13.87 -23.51
CA LEU A 12 16.53 -12.59 -23.06
C LEU A 12 15.50 -12.09 -24.10
N THR A 13 15.78 -12.29 -25.40
CA THR A 13 14.87 -11.97 -26.54
C THR A 13 13.61 -12.86 -26.50
N ASN A 14 13.54 -13.93 -25.68
CA ASN A 14 12.26 -14.65 -25.50
C ASN A 14 11.25 -13.87 -24.62
N TYR A 15 11.67 -12.79 -23.93
CA TYR A 15 10.82 -12.16 -22.88
C TYR A 15 10.39 -10.79 -23.42
N THR A 16 9.14 -10.37 -23.21
CA THR A 16 8.67 -9.00 -23.59
C THR A 16 8.56 -8.12 -22.33
N PHE A 17 9.19 -6.93 -22.30
CA PHE A 17 9.17 -5.95 -21.19
C PHE A 17 8.28 -4.73 -21.56
N GLY A 18 7.00 -4.82 -21.22
CA GLY A 18 6.02 -3.70 -21.28
C GLY A 18 6.21 -2.72 -20.12
N THR A 19 5.26 -1.77 -19.97
CA THR A 19 5.27 -0.66 -18.96
C THR A 19 3.93 -0.59 -18.22
N LYS A 20 3.91 -0.01 -17.00
CA LYS A 20 2.64 0.30 -16.29
C LYS A 20 2.89 1.47 -15.32
N GLU A 21 1.89 1.81 -14.50
CA GLU A 21 1.93 3.04 -13.65
C GLU A 21 3.12 2.96 -12.70
N PRO A 22 3.66 4.08 -12.15
CA PRO A 22 4.78 3.95 -11.21
C PRO A 22 4.34 3.11 -10.00
N LEU A 23 5.29 2.48 -9.33
CA LEU A 23 5.09 1.76 -8.05
C LEU A 23 6.00 2.46 -7.03
N TYR A 24 5.45 3.25 -6.11
CA TYR A 24 6.28 4.12 -5.23
C TYR A 24 6.79 3.34 -4.03
N GLU A 25 7.98 3.72 -3.55
CA GLU A 25 8.61 3.23 -2.30
C GLU A 25 7.76 3.58 -1.08
N LYS A 26 7.74 2.73 -0.05
CA LYS A 26 6.97 2.97 1.19
C LYS A 26 7.67 4.05 2.02
N ASP A 27 8.98 4.24 1.85
CA ASP A 27 9.74 5.19 2.67
C ASP A 27 10.32 6.26 1.74
N SER A 28 10.21 7.55 2.09
CA SER A 28 10.77 8.63 1.22
C SER A 28 12.27 8.87 1.46
N SER A 29 12.91 8.25 2.46
CA SER A 29 14.36 8.42 2.77
C SER A 29 14.91 7.27 3.62
N VAL A 30 16.23 7.20 3.76
CA VAL A 30 16.93 6.23 4.66
C VAL A 30 16.40 6.46 6.08
N ALA A 31 16.25 7.71 6.48
CA ALA A 31 15.84 8.05 7.86
C ALA A 31 14.42 7.53 8.13
N ALA A 32 13.43 7.78 7.24
CA ALA A 32 12.06 7.23 7.38
C ALA A 32 12.09 5.68 7.35
N ARG A 33 12.93 5.07 6.52
CA ARG A 33 13.08 3.58 6.38
C ARG A 33 13.42 2.98 7.74
N PHE A 34 14.47 3.51 8.39
CA PHE A 34 14.86 2.99 9.72
C PHE A 34 13.83 3.38 10.81
N GLN A 35 13.15 4.53 10.72
CA GLN A 35 12.05 4.87 11.69
C GLN A 35 10.92 3.82 11.59
N ARG A 36 10.40 3.56 10.38
CA ARG A 36 9.29 2.59 10.19
C ARG A 36 9.77 1.19 10.64
N MET A 37 11.01 0.79 10.36
CA MET A 37 11.52 -0.54 10.84
C MET A 37 11.47 -0.65 12.38
N ARG A 38 11.81 0.44 13.07
N ARG A 38 11.81 0.45 13.08
CA ARG A 38 11.75 0.54 14.56
CA ARG A 38 11.75 0.52 14.57
C ARG A 38 10.29 0.43 15.03
C ARG A 38 10.29 0.43 15.03
N GLU A 39 9.39 1.17 14.39
CA GLU A 39 7.94 1.21 14.78
C GLU A 39 7.32 -0.19 14.63
N GLU A 40 7.59 -0.87 13.53
CA GLU A 40 7.00 -2.20 13.25
C GLU A 40 7.69 -3.26 14.13
N PHE A 41 9.01 -3.18 14.39
CA PHE A 41 9.67 -4.16 15.29
C PHE A 41 8.96 -4.16 16.66
N ASP A 42 8.67 -2.99 17.21
CA ASP A 42 7.98 -2.88 18.54
C ASP A 42 6.58 -3.51 18.48
N LYS A 43 5.87 -3.52 17.34
CA LYS A 43 4.47 -4.01 17.21
C LYS A 43 4.43 -5.49 16.78
N ILE A 44 5.29 -5.96 15.86
CA ILE A 44 5.16 -7.35 15.29
C ILE A 44 6.48 -8.09 15.27
N GLY A 45 7.56 -7.53 15.81
CA GLY A 45 8.87 -8.21 15.87
C GLY A 45 9.65 -8.09 14.57
N MET A 46 10.58 -9.02 14.37
CA MET A 46 11.64 -8.97 13.31
C MET A 46 10.97 -8.80 11.93
N ARG A 47 11.45 -7.91 11.08
CA ARG A 47 11.01 -7.84 9.67
C ARG A 47 11.40 -9.16 8.92
N ARG A 48 10.49 -9.73 8.14
CA ARG A 48 10.70 -10.93 7.27
C ARG A 48 10.57 -10.46 5.82
N THR A 49 11.70 -10.37 5.09
N THR A 49 11.69 -10.47 5.09
CA THR A 49 11.74 -10.02 3.65
CA THR A 49 11.82 -10.01 3.68
C THR A 49 12.08 -11.24 2.82
C THR A 49 12.15 -11.21 2.79
N VAL A 50 11.57 -11.28 1.60
CA VAL A 50 11.84 -12.33 0.59
C VAL A 50 12.19 -11.64 -0.74
N GLU A 51 13.13 -12.22 -1.49
CA GLU A 51 13.61 -11.68 -2.80
C GLU A 51 13.78 -12.83 -3.79
N GLY A 52 13.56 -12.54 -5.07
CA GLY A 52 13.66 -13.52 -6.17
C GLY A 52 14.80 -13.22 -7.12
N VAL A 53 15.53 -14.28 -7.49
CA VAL A 53 16.60 -14.28 -8.50
C VAL A 53 16.06 -14.93 -9.76
N LEU A 54 15.97 -14.12 -10.82
CA LEU A 54 15.38 -14.50 -12.14
C LEU A 54 16.53 -14.45 -13.17
N ILE A 55 16.79 -15.56 -13.82
CA ILE A 55 17.99 -15.70 -14.70
C ILE A 55 17.53 -15.94 -16.14
N VAL A 56 18.25 -15.30 -17.04
CA VAL A 56 18.13 -15.56 -18.50
C VAL A 56 19.54 -15.79 -19.08
N HIS A 57 19.62 -16.03 -20.40
CA HIS A 57 20.93 -15.95 -21.12
C HIS A 57 20.85 -15.16 -22.44
N GLU A 58 22.02 -14.67 -22.88
N GLU A 58 21.98 -14.64 -22.91
CA GLU A 58 22.30 -14.16 -24.25
CA GLU A 58 22.14 -14.36 -24.35
C GLU A 58 23.57 -14.88 -24.78
C GLU A 58 23.51 -14.87 -24.80
N HIS A 59 23.47 -15.62 -25.88
CA HIS A 59 24.66 -16.26 -26.52
C HIS A 59 25.34 -17.15 -25.46
N ARG A 60 24.51 -17.82 -24.63
CA ARG A 60 24.91 -18.84 -23.63
C ARG A 60 25.64 -18.20 -22.44
N LEU A 61 25.50 -16.90 -22.20
CA LEU A 61 26.11 -16.22 -21.05
C LEU A 61 25.02 -15.86 -20.05
N PRO A 62 25.03 -16.36 -18.78
CA PRO A 62 23.89 -16.12 -17.90
C PRO A 62 23.89 -14.65 -17.42
N HIS A 63 22.68 -14.11 -17.23
CA HIS A 63 22.42 -12.73 -16.73
C HIS A 63 21.30 -12.75 -15.66
N VAL A 64 21.44 -11.95 -14.60
CA VAL A 64 20.42 -11.78 -13.52
C VAL A 64 19.60 -10.53 -13.91
N LEU A 65 18.28 -10.62 -13.79
CA LEU A 65 17.38 -9.43 -13.98
C LEU A 65 17.37 -8.62 -12.71
N LEU A 66 17.74 -7.35 -12.81
CA LEU A 66 17.70 -6.38 -11.72
C LEU A 66 16.70 -5.25 -12.07
N LEU A 67 16.14 -4.64 -11.02
CA LEU A 67 15.23 -3.47 -11.18
C LEU A 67 15.99 -2.24 -10.70
N GLN A 68 16.17 -1.28 -11.60
CA GLN A 68 16.89 -0.04 -11.26
C GLN A 68 15.88 1.06 -10.99
N LEU A 69 15.97 1.68 -9.84
CA LEU A 69 15.06 2.78 -9.50
C LEU A 69 15.69 4.04 -10.08
N GLY A 70 15.06 4.61 -11.14
CA GLY A 70 15.63 5.69 -11.96
C GLY A 70 17.05 5.35 -12.40
N THR A 71 18.04 6.10 -11.93
CA THR A 71 19.48 5.83 -12.23
C THR A 71 20.21 5.65 -10.87
N THR A 72 19.48 5.19 -9.85
CA THR A 72 19.99 5.10 -8.45
C THR A 72 20.30 3.61 -8.16
N PHE A 73 19.71 3.02 -7.11
CA PHE A 73 20.04 1.69 -6.55
C PHE A 73 19.49 0.56 -7.46
N PHE A 74 20.17 -0.58 -7.46
CA PHE A 74 19.73 -1.82 -8.11
C PHE A 74 19.09 -2.67 -7.01
N LYS A 75 17.96 -3.31 -7.35
CA LYS A 75 17.13 -4.13 -6.41
C LYS A 75 16.79 -5.47 -7.05
N LEU A 76 16.62 -6.53 -6.24
CA LEU A 76 15.94 -7.75 -6.66
C LEU A 76 14.44 -7.51 -6.50
N PRO A 77 13.56 -8.09 -7.34
CA PRO A 77 12.11 -8.04 -7.06
C PRO A 77 11.83 -8.80 -5.76
N GLY A 78 11.02 -8.21 -4.89
CA GLY A 78 10.68 -8.82 -3.60
C GLY A 78 10.06 -7.83 -2.67
N GLY A 79 10.01 -8.17 -1.38
CA GLY A 79 9.60 -7.19 -0.37
C GLY A 79 9.19 -7.85 0.93
N GLU A 80 8.26 -7.22 1.67
CA GLU A 80 8.00 -7.55 3.11
C GLU A 80 6.79 -8.50 3.19
N LEU A 81 6.96 -9.60 3.91
CA LEU A 81 5.84 -10.52 4.30
C LEU A 81 4.95 -9.87 5.37
N ASN A 82 3.66 -10.23 5.36
CA ASN A 82 2.69 -9.91 6.47
C ASN A 82 2.87 -10.92 7.58
N PRO A 83 2.49 -10.56 8.82
CA PRO A 83 2.49 -11.52 9.93
C PRO A 83 1.68 -12.78 9.54
N GLY A 84 2.29 -13.94 9.75
CA GLY A 84 1.74 -15.29 9.46
C GLY A 84 1.70 -15.66 7.99
N GLU A 85 2.26 -14.86 7.08
CA GLU A 85 2.24 -15.17 5.64
C GLU A 85 3.36 -16.19 5.31
N ASP A 86 3.02 -17.25 4.60
CA ASP A 86 3.99 -18.23 4.01
C ASP A 86 5.03 -17.51 3.12
N GLU A 87 6.32 -17.89 3.25
CA GLU A 87 7.42 -17.24 2.45
C GLU A 87 7.25 -17.38 0.93
N VAL A 88 6.92 -18.57 0.45
CA VAL A 88 6.83 -18.83 -1.01
C VAL A 88 5.56 -18.17 -1.59
N GLU A 89 4.40 -18.32 -0.94
CA GLU A 89 3.14 -17.60 -1.38
C GLU A 89 3.40 -16.09 -1.35
N GLY A 90 4.11 -15.64 -0.33
CA GLY A 90 4.41 -14.19 -0.22
C GLY A 90 5.33 -13.67 -1.31
N LEU A 91 6.41 -14.38 -1.68
CA LEU A 91 7.28 -13.92 -2.83
C LEU A 91 6.45 -13.94 -4.13
N LYS A 92 5.62 -14.96 -4.35
CA LYS A 92 4.74 -14.99 -5.58
C LYS A 92 3.81 -13.77 -5.61
N ARG A 93 3.17 -13.46 -4.48
CA ARG A 93 2.33 -12.22 -4.35
C ARG A 93 3.15 -10.99 -4.74
N LEU A 94 4.36 -10.82 -4.17
CA LEU A 94 5.15 -9.58 -4.32
C LEU A 94 5.63 -9.42 -5.77
N MET A 95 6.11 -10.50 -6.37
CA MET A 95 6.54 -10.50 -7.79
C MET A 95 5.33 -10.24 -8.73
N THR A 96 4.12 -10.70 -8.42
CA THR A 96 2.90 -10.34 -9.23
C THR A 96 2.64 -8.84 -9.06
N GLU A 97 2.77 -8.27 -7.87
CA GLU A 97 2.53 -6.81 -7.69
C GLU A 97 3.58 -6.01 -8.46
N ILE A 98 4.86 -6.46 -8.53
CA ILE A 98 5.90 -5.67 -9.24
C ILE A 98 5.81 -5.86 -10.78
N LEU A 99 5.76 -7.09 -11.28
CA LEU A 99 5.99 -7.43 -12.72
C LEU A 99 4.75 -8.06 -13.41
N GLY A 100 3.64 -8.28 -12.68
CA GLY A 100 2.37 -8.80 -13.20
C GLY A 100 1.75 -7.88 -14.25
N ARG A 101 0.95 -8.44 -15.17
CA ARG A 101 0.52 -7.73 -16.42
C ARG A 101 -0.68 -6.78 -16.24
N GLN A 102 -0.64 -5.63 -16.93
CA GLN A 102 -1.74 -4.64 -17.10
C GLN A 102 -3.06 -5.31 -17.55
N ASP A 103 -2.98 -6.41 -18.30
CA ASP A 103 -4.16 -7.15 -18.84
C ASP A 103 -4.63 -8.24 -17.85
N GLY A 104 -3.99 -8.40 -16.68
CA GLY A 104 -4.45 -9.32 -15.61
C GLY A 104 -4.46 -10.80 -15.99
N VAL A 105 -3.40 -11.24 -16.67
CA VAL A 105 -3.16 -12.67 -17.00
C VAL A 105 -2.17 -13.16 -15.95
N LEU A 106 -2.33 -14.39 -15.47
CA LEU A 106 -1.49 -14.92 -14.36
C LEU A 106 -0.13 -15.45 -14.82
N GLN A 107 0.92 -14.97 -14.16
CA GLN A 107 2.31 -15.45 -14.41
C GLN A 107 2.43 -16.83 -13.77
N ASP A 108 3.29 -17.69 -14.30
CA ASP A 108 3.43 -19.00 -13.64
C ASP A 108 4.76 -18.98 -12.89
N TRP A 109 4.76 -18.56 -11.64
CA TRP A 109 6.03 -18.54 -10.88
C TRP A 109 6.34 -19.94 -10.35
N VAL A 110 7.53 -20.46 -10.62
CA VAL A 110 8.02 -21.77 -10.08
C VAL A 110 9.19 -21.45 -9.16
N ILE A 111 9.04 -21.76 -7.88
CA ILE A 111 10.08 -21.47 -6.83
C ILE A 111 10.40 -22.75 -6.08
N ASP A 112 11.57 -23.37 -6.34
CA ASP A 112 11.88 -24.70 -5.73
C ASP A 112 13.20 -24.70 -4.97
N ASP A 113 13.96 -23.59 -4.94
CA ASP A 113 15.35 -23.61 -4.39
C ASP A 113 15.61 -22.36 -3.51
N CYS A 114 16.13 -22.54 -2.31
CA CYS A 114 16.63 -21.41 -1.43
C CYS A 114 18.06 -21.18 -1.84
N ILE A 115 18.48 -19.93 -2.05
N ILE A 115 18.44 -19.92 -2.07
CA ILE A 115 19.90 -19.69 -2.43
CA ILE A 115 19.83 -19.63 -2.48
C ILE A 115 20.66 -18.89 -1.36
C ILE A 115 20.61 -19.09 -1.28
N GLY A 116 19.96 -18.36 -0.36
CA GLY A 116 20.63 -17.85 0.87
C GLY A 116 19.75 -17.09 1.84
N ASN A 117 20.39 -16.69 2.95
CA ASN A 117 19.78 -16.04 4.13
C ASN A 117 20.71 -14.90 4.60
N TRP A 118 20.19 -13.69 4.85
CA TRP A 118 20.95 -12.55 5.42
C TRP A 118 20.21 -12.01 6.64
N TRP A 119 20.95 -11.47 7.61
CA TRP A 119 20.43 -10.99 8.90
C TRP A 119 20.96 -9.58 9.19
N ARG A 120 20.08 -8.68 9.61
CA ARG A 120 20.43 -7.28 9.99
C ARG A 120 20.37 -7.17 11.51
N PRO A 121 21.52 -7.02 12.21
CA PRO A 121 21.49 -7.04 13.67
C PRO A 121 20.91 -5.78 14.35
N ASN A 122 21.04 -4.60 13.72
CA ASN A 122 20.60 -3.29 14.27
C ASN A 122 19.70 -2.51 13.30
N PHE A 123 19.23 -1.32 13.67
CA PHE A 123 18.42 -0.45 12.78
C PHE A 123 19.40 0.37 11.95
N GLU A 124 20.24 -0.31 11.17
CA GLU A 124 21.40 0.30 10.46
C GLU A 124 21.63 -0.53 9.21
N PRO A 125 22.38 0.01 8.24
CA PRO A 125 22.62 -0.68 6.98
C PRO A 125 23.33 -2.03 7.04
N PRO A 126 24.31 -2.32 7.93
CA PRO A 126 25.01 -3.61 7.86
C PRO A 126 24.15 -4.89 7.91
N GLN A 127 24.45 -5.85 7.03
CA GLN A 127 23.77 -7.19 6.93
C GLN A 127 24.83 -8.31 6.79
N TYR A 128 24.56 -9.48 7.35
CA TYR A 128 25.52 -10.63 7.35
C TYR A 128 24.86 -11.92 6.87
N PRO A 129 25.62 -12.85 6.26
CA PRO A 129 25.07 -14.16 5.92
C PRO A 129 24.97 -15.15 7.11
N TYR A 130 24.92 -14.67 8.34
CA TYR A 130 24.82 -15.43 9.63
C TYR A 130 24.30 -14.47 10.69
N ILE A 131 23.80 -14.97 11.81
CA ILE A 131 23.48 -14.16 13.03
C ILE A 131 24.80 -13.86 13.75
N PRO A 132 25.23 -12.59 13.87
CA PRO A 132 26.51 -12.30 14.52
C PRO A 132 26.50 -12.62 16.02
N ALA A 133 27.71 -12.79 16.55
CA ALA A 133 27.95 -13.15 17.95
C ALA A 133 27.30 -12.09 18.82
N HIS A 134 26.60 -12.55 19.85
CA HIS A 134 26.00 -11.72 20.93
C HIS A 134 24.60 -11.21 20.50
N ILE A 135 24.17 -11.45 19.25
CA ILE A 135 22.87 -10.85 18.77
C ILE A 135 21.73 -11.87 18.98
N THR A 136 20.74 -11.52 19.80
CA THR A 136 19.61 -12.42 20.18
C THR A 136 18.32 -11.89 19.51
N LYS A 137 18.23 -10.60 19.23
CA LYS A 137 17.00 -10.01 18.62
C LYS A 137 17.39 -9.32 17.31
N PRO A 138 17.66 -10.06 16.22
CA PRO A 138 17.85 -9.43 14.91
C PRO A 138 16.60 -8.68 14.47
N LYS A 139 16.81 -7.59 13.76
CA LYS A 139 15.74 -6.64 13.39
C LYS A 139 15.14 -7.01 12.01
N GLU A 140 15.89 -7.67 11.13
CA GLU A 140 15.40 -8.13 9.78
C GLU A 140 16.03 -9.48 9.43
N HIS A 141 15.25 -10.36 8.80
CA HIS A 141 15.72 -11.61 8.18
C HIS A 141 15.28 -11.65 6.70
N LYS A 142 16.23 -11.62 5.76
CA LYS A 142 15.99 -11.73 4.29
C LYS A 142 16.28 -13.16 3.85
N LYS A 143 15.42 -13.67 2.97
N LYS A 143 15.38 -13.66 2.98
CA LYS A 143 15.55 -15.01 2.33
CA LYS A 143 15.47 -14.98 2.31
C LYS A 143 15.46 -14.83 0.80
C LYS A 143 15.51 -14.75 0.79
N LEU A 144 16.47 -15.36 0.08
CA LEU A 144 16.57 -15.32 -1.40
C LEU A 144 16.17 -16.68 -1.95
N PHE A 145 15.46 -16.67 -3.06
CA PHE A 145 14.99 -17.88 -3.79
C PHE A 145 15.32 -17.74 -5.29
N LEU A 146 15.67 -18.86 -5.93
CA LEU A 146 15.85 -18.96 -7.39
C LEU A 146 14.46 -19.15 -8.01
N VAL A 147 14.08 -18.30 -8.96
CA VAL A 147 12.73 -18.31 -9.62
C VAL A 147 12.95 -18.87 -11.02
N GLN A 148 12.51 -20.08 -11.31
CA GLN A 148 12.63 -20.68 -12.66
C GLN A 148 11.59 -20.03 -13.61
N LEU A 149 12.05 -19.34 -14.66
CA LEU A 149 11.13 -18.75 -15.69
C LEU A 149 10.66 -19.80 -16.71
N GLN A 150 9.49 -19.49 -17.27
CA GLN A 150 8.93 -20.22 -18.42
C GLN A 150 9.72 -19.82 -19.68
N GLU A 151 9.53 -20.58 -20.75
CA GLU A 151 10.24 -20.37 -22.03
C GLU A 151 10.02 -18.93 -22.54
N LYS A 152 8.80 -18.41 -22.40
CA LYS A 152 8.42 -17.04 -22.82
C LYS A 152 7.47 -16.36 -21.81
N ALA A 153 7.47 -15.03 -21.75
CA ALA A 153 6.63 -14.25 -20.81
C ALA A 153 6.63 -12.78 -21.19
N LEU A 154 5.53 -12.11 -20.83
CA LEU A 154 5.40 -10.63 -20.83
C LEU A 154 5.43 -10.15 -19.36
N PHE A 155 6.30 -9.21 -19.08
CA PHE A 155 6.40 -8.55 -17.75
C PHE A 155 6.07 -7.06 -17.95
N ALA A 156 5.25 -6.51 -17.07
CA ALA A 156 4.97 -5.07 -17.04
C ALA A 156 5.85 -4.45 -15.97
N VAL A 157 6.72 -3.54 -16.38
CA VAL A 157 7.67 -2.82 -15.50
C VAL A 157 7.15 -1.44 -15.11
N PRO A 158 6.96 -1.18 -13.81
CA PRO A 158 6.60 0.17 -13.36
C PRO A 158 7.47 1.25 -14.03
N LYS A 159 6.80 2.31 -14.52
CA LYS A 159 7.37 3.42 -15.35
C LYS A 159 8.54 4.08 -14.62
N ASN A 160 8.59 4.05 -13.28
CA ASN A 160 9.67 4.72 -12.51
C ASN A 160 10.92 3.81 -12.37
N TYR A 161 10.90 2.56 -12.86
CA TYR A 161 12.02 1.58 -12.80
C TYR A 161 12.49 1.21 -14.21
N LYS A 162 13.74 0.75 -14.39
CA LYS A 162 14.26 -0.01 -15.58
C LYS A 162 14.58 -1.47 -15.23
N LEU A 163 14.11 -2.45 -15.98
CA LEU A 163 14.55 -3.88 -15.89
C LEU A 163 15.88 -3.99 -16.65
N VAL A 164 16.96 -4.41 -16.00
CA VAL A 164 18.27 -4.60 -16.68
C VAL A 164 18.83 -6.01 -16.44
N ALA A 165 19.44 -6.57 -17.48
CA ALA A 165 20.08 -7.92 -17.46
C ALA A 165 21.58 -7.76 -17.25
N ALA A 166 22.06 -8.13 -16.06
CA ALA A 166 23.49 -8.01 -15.69
C ALA A 166 24.18 -9.35 -15.83
N PRO A 167 25.32 -9.40 -16.58
CA PRO A 167 26.14 -10.59 -16.62
C PRO A 167 26.81 -10.79 -15.26
N LEU A 168 27.15 -12.04 -14.96
CA LEU A 168 27.78 -12.36 -13.65
C LEU A 168 29.09 -11.61 -13.47
N PHE A 169 29.89 -11.47 -14.53
CA PHE A 169 31.25 -10.87 -14.34
C PHE A 169 31.11 -9.43 -13.83
N GLU A 170 30.04 -8.75 -14.22
CA GLU A 170 29.79 -7.35 -13.78
C GLU A 170 29.46 -7.30 -12.29
N LEU A 171 28.79 -8.34 -11.77
CA LEU A 171 28.46 -8.40 -10.33
C LEU A 171 29.68 -8.69 -9.49
N TYR A 172 30.50 -9.63 -9.94
CA TYR A 172 31.57 -10.28 -9.16
C TYR A 172 32.55 -9.25 -8.58
N ASP A 173 32.78 -9.32 -7.27
CA ASP A 173 33.66 -8.44 -6.45
C ASP A 173 33.27 -6.96 -6.66
N ASN A 174 31.96 -6.64 -6.80
CA ASN A 174 31.46 -5.24 -7.03
C ASN A 174 30.42 -4.86 -5.97
N ALA A 175 30.78 -4.99 -4.69
CA ALA A 175 29.93 -4.56 -3.56
C ALA A 175 29.72 -3.06 -3.58
N PRO A 176 30.75 -2.22 -3.90
CA PRO A 176 30.53 -0.78 -4.01
C PRO A 176 29.40 -0.48 -4.99
N GLY A 177 29.35 -1.13 -6.16
CA GLY A 177 28.33 -0.89 -7.19
C GLY A 177 26.96 -1.49 -6.84
N TYR A 178 26.92 -2.63 -6.12
CA TYR A 178 25.69 -3.46 -6.05
C TYR A 178 25.35 -3.83 -4.63
N GLY A 179 26.27 -3.62 -3.70
CA GLY A 179 26.11 -4.11 -2.30
C GLY A 179 26.47 -5.61 -2.14
N PRO A 180 26.51 -6.07 -0.88
CA PRO A 180 27.08 -7.38 -0.54
C PRO A 180 26.20 -8.57 -0.94
N ILE A 181 24.89 -8.37 -1.14
CA ILE A 181 23.96 -9.50 -1.48
C ILE A 181 24.02 -9.76 -2.96
N ILE A 182 23.77 -8.73 -3.77
CA ILE A 182 23.78 -8.89 -5.24
C ILE A 182 25.23 -9.23 -5.72
N SER A 183 26.28 -8.64 -5.12
CA SER A 183 27.69 -8.87 -5.55
C SER A 183 28.11 -10.32 -5.28
N SER A 184 27.44 -11.05 -4.37
CA SER A 184 27.81 -12.46 -4.08
C SER A 184 26.89 -13.45 -4.84
N LEU A 185 26.03 -12.99 -5.75
CA LEU A 185 25.21 -13.88 -6.59
C LEU A 185 26.05 -14.84 -7.43
N PRO A 186 27.18 -14.44 -8.09
CA PRO A 186 27.99 -15.37 -8.86
C PRO A 186 28.42 -16.61 -8.03
N GLN A 187 28.93 -16.41 -6.82
CA GLN A 187 29.33 -17.53 -5.93
C GLN A 187 28.09 -18.40 -5.63
N LEU A 188 26.95 -17.78 -5.23
CA LEU A 188 25.71 -18.52 -4.85
C LEU A 188 25.09 -19.26 -6.04
N LEU A 189 25.28 -18.80 -7.28
CA LEU A 189 24.73 -19.47 -8.48
C LEU A 189 25.67 -20.53 -9.07
N SER A 190 26.92 -20.63 -8.62
CA SER A 190 27.92 -21.54 -9.22
C SER A 190 27.52 -23.02 -9.07
N ARG A 191 26.70 -23.38 -8.09
CA ARG A 191 26.37 -24.78 -7.84
C ARG A 191 25.34 -25.28 -8.88
N PHE A 192 24.67 -24.43 -9.67
CA PHE A 192 23.61 -24.91 -10.59
C PHE A 192 24.24 -25.38 -11.91
N ASN A 193 23.66 -26.42 -12.48
CA ASN A 193 23.91 -26.90 -13.87
C ASN A 193 22.90 -26.19 -14.81
N PHE A 194 23.27 -25.07 -15.40
CA PHE A 194 22.33 -24.33 -16.30
C PHE A 194 22.29 -25.00 -17.67
N ILE A 195 21.10 -25.16 -18.26
CA ILE A 195 20.89 -25.58 -19.68
C ILE A 195 20.59 -24.31 -20.50
N TYR A 196 21.33 -24.05 -21.57
CA TYR A 196 21.19 -22.83 -22.39
C TYR A 196 20.30 -23.16 -23.56
N ASN A 197 18.99 -22.88 -23.46
CA ASN A 197 17.99 -23.36 -24.46
C ASN A 197 17.86 -22.29 -25.57
N SER B 1 -10.88 -12.18 25.89
CA SER B 1 -12.37 -12.18 25.70
C SER B 1 -12.99 -10.78 25.84
N MET B 2 -12.17 -9.72 26.02
CA MET B 2 -12.49 -8.37 25.49
C MET B 2 -11.62 -8.14 24.25
N LEU B 3 -12.24 -8.36 23.07
CA LEU B 3 -11.64 -8.29 21.71
C LEU B 3 -11.97 -6.97 21.01
N GLU B 4 -12.70 -6.04 21.68
CA GLU B 4 -13.19 -4.77 21.10
C GLU B 4 -12.27 -3.57 21.44
N ARG B 5 -12.01 -2.71 20.46
CA ARG B 5 -11.28 -1.45 20.63
C ARG B 5 -12.18 -0.46 21.38
N THR B 6 -11.60 0.28 22.31
CA THR B 6 -12.29 1.29 23.13
C THR B 6 -12.10 2.67 22.51
N ILE B 7 -13.21 3.41 22.31
CA ILE B 7 -13.16 4.75 21.66
C ILE B 7 -13.87 5.80 22.54
N ASN B 8 -13.19 6.88 22.93
CA ASN B 8 -13.80 8.02 23.67
C ASN B 8 -14.68 8.87 22.73
N LEU B 9 -15.96 9.04 23.08
CA LEU B 9 -16.85 10.09 22.46
C LEU B 9 -17.07 11.21 23.49
N TYR B 10 -17.31 12.42 22.97
CA TYR B 10 -17.64 13.65 23.74
C TYR B 10 -18.92 14.30 23.21
N PRO B 11 -19.58 15.11 24.06
CA PRO B 11 -20.80 15.80 23.69
C PRO B 11 -20.63 16.66 22.45
N LEU B 12 -21.63 16.63 21.56
CA LEU B 12 -21.65 17.56 20.41
C LEU B 12 -21.39 19.02 20.86
N THR B 13 -21.89 19.43 22.02
CA THR B 13 -21.70 20.81 22.54
C THR B 13 -20.25 21.10 22.97
N ASN B 14 -19.36 20.11 23.01
CA ASN B 14 -17.92 20.39 23.26
C ASN B 14 -17.25 20.98 22.03
N TYR B 15 -17.92 20.94 20.87
CA TYR B 15 -17.29 21.38 19.59
C TYR B 15 -17.87 22.73 19.14
N THR B 16 -17.03 23.54 18.51
CA THR B 16 -17.41 24.85 17.93
C THR B 16 -17.35 24.76 16.41
N PHE B 17 -18.44 25.11 15.73
CA PHE B 17 -18.57 25.02 14.25
C PHE B 17 -18.45 26.43 13.65
N GLY B 18 -17.24 26.85 13.25
CA GLY B 18 -16.99 28.13 12.56
C GLY B 18 -17.27 28.03 11.06
N THR B 19 -16.99 29.10 10.30
CA THR B 19 -17.24 29.12 8.82
C THR B 19 -16.04 29.75 8.14
N LYS B 20 -15.76 29.33 6.90
CA LYS B 20 -14.74 29.94 6.02
C LYS B 20 -15.22 29.96 4.57
N GLU B 21 -14.32 30.30 3.66
CA GLU B 21 -14.60 30.53 2.22
C GLU B 21 -15.10 29.23 1.62
N PRO B 22 -16.00 29.31 0.61
CA PRO B 22 -16.57 28.11 0.00
C PRO B 22 -15.46 27.27 -0.65
N LEU B 23 -15.71 25.97 -0.72
CA LEU B 23 -14.81 24.95 -1.32
C LEU B 23 -15.64 24.26 -2.40
N TYR B 24 -15.22 24.34 -3.66
CA TYR B 24 -16.00 23.85 -4.83
C TYR B 24 -15.45 22.47 -5.24
N GLU B 25 -16.30 21.61 -5.80
CA GLU B 25 -15.93 20.28 -6.32
C GLU B 25 -15.11 20.47 -7.60
N LYS B 26 -13.94 19.81 -7.74
CA LYS B 26 -12.93 20.01 -8.82
C LYS B 26 -13.46 19.61 -10.21
N ASP B 27 -14.53 18.80 -10.30
CA ASP B 27 -15.24 18.39 -11.54
C ASP B 27 -16.63 19.03 -11.58
N SER B 28 -17.05 19.53 -12.74
CA SER B 28 -18.27 20.35 -12.93
C SER B 28 -19.53 19.51 -13.21
N SER B 29 -19.45 18.19 -13.31
CA SER B 29 -20.54 17.34 -13.89
C SER B 29 -20.18 15.84 -13.83
N VAL B 30 -21.20 14.97 -13.75
CA VAL B 30 -21.10 13.47 -13.81
C VAL B 30 -20.19 13.08 -14.98
N ALA B 31 -20.40 13.69 -16.15
CA ALA B 31 -19.68 13.39 -17.41
C ALA B 31 -18.20 13.73 -17.23
N ALA B 32 -17.89 14.95 -16.78
CA ALA B 32 -16.50 15.47 -16.64
C ALA B 32 -15.78 14.71 -15.50
N ARG B 33 -16.56 14.13 -14.58
CA ARG B 33 -16.04 13.31 -13.44
C ARG B 33 -15.36 12.06 -14.01
N PHE B 34 -16.11 11.25 -14.77
CA PHE B 34 -15.62 9.99 -15.39
C PHE B 34 -14.59 10.30 -16.49
N GLN B 35 -14.68 11.45 -17.18
CA GLN B 35 -13.65 11.90 -18.15
C GLN B 35 -12.32 12.02 -17.44
N ARG B 36 -12.29 12.69 -16.29
CA ARG B 36 -11.03 12.95 -15.55
C ARG B 36 -10.51 11.63 -15.00
N MET B 37 -11.40 10.77 -14.52
CA MET B 37 -11.03 9.46 -13.93
C MET B 37 -10.28 8.67 -15.02
N ARG B 38 -10.79 8.71 -16.27
CA ARG B 38 -10.19 8.05 -17.48
C ARG B 38 -8.79 8.64 -17.79
N GLU B 39 -8.68 9.97 -17.90
CA GLU B 39 -7.39 10.68 -18.14
C GLU B 39 -6.36 10.22 -17.11
N GLU B 40 -6.71 10.29 -15.82
CA GLU B 40 -5.77 10.04 -14.70
C GLU B 40 -5.46 8.55 -14.67
N PHE B 41 -6.47 7.71 -14.92
CA PHE B 41 -6.27 6.24 -14.93
C PHE B 41 -5.05 5.97 -15.83
N ASP B 42 -4.99 6.62 -16.99
CA ASP B 42 -3.98 6.41 -18.08
C ASP B 42 -2.59 6.87 -17.65
N LYS B 43 -2.46 7.96 -16.89
CA LYS B 43 -1.15 8.51 -16.42
C LYS B 43 -0.67 7.80 -15.15
N ILE B 44 -1.53 7.60 -14.13
CA ILE B 44 -1.04 7.15 -12.79
C ILE B 44 -1.75 5.89 -12.30
N GLY B 45 -2.72 5.35 -13.02
CA GLY B 45 -3.41 4.09 -12.62
C GLY B 45 -4.60 4.33 -11.69
N MET B 46 -4.94 3.34 -10.87
CA MET B 46 -6.16 3.31 -10.01
C MET B 46 -6.28 4.63 -9.22
N ARG B 47 -7.44 5.26 -9.17
CA ARG B 47 -7.64 6.39 -8.23
C ARG B 47 -7.60 5.83 -6.79
N ARG B 48 -6.99 6.57 -5.85
CA ARG B 48 -6.88 6.20 -4.43
C ARG B 48 -7.55 7.29 -3.57
N THR B 49 -8.73 7.01 -2.98
N THR B 49 -8.66 6.96 -2.93
CA THR B 49 -9.46 7.95 -2.09
CA THR B 49 -9.52 7.85 -2.09
C THR B 49 -9.48 7.45 -0.62
C THR B 49 -9.44 7.44 -0.62
N VAL B 50 -9.59 8.40 0.29
CA VAL B 50 -9.63 8.14 1.76
C VAL B 50 -10.76 9.04 2.32
N GLU B 51 -11.48 8.50 3.26
CA GLU B 51 -12.58 9.20 3.96
C GLU B 51 -12.44 8.99 5.48
N GLY B 52 -12.79 10.03 6.23
CA GLY B 52 -12.75 10.04 7.70
C GLY B 52 -14.13 9.97 8.35
N VAL B 53 -14.25 9.12 9.36
CA VAL B 53 -15.50 8.98 10.14
C VAL B 53 -15.27 9.59 11.54
N LEU B 54 -15.94 10.72 11.78
CA LEU B 54 -15.87 11.51 13.04
C LEU B 54 -17.14 11.29 13.84
N ILE B 55 -16.99 10.88 15.10
CA ILE B 55 -18.12 10.47 15.96
C ILE B 55 -18.19 11.37 17.20
N VAL B 56 -19.43 11.80 17.54
CA VAL B 56 -19.72 12.55 18.78
C VAL B 56 -20.85 11.80 19.49
N HIS B 57 -21.30 12.29 20.64
CA HIS B 57 -22.58 11.78 21.16
C HIS B 57 -23.48 12.93 21.56
N GLU B 58 -24.79 12.68 21.60
N GLU B 58 -24.78 12.64 21.55
CA GLU B 58 -25.74 13.60 22.26
CA GLU B 58 -25.85 13.41 22.21
C GLU B 58 -26.92 12.75 22.74
C GLU B 58 -26.72 12.40 22.97
N HIS B 59 -27.06 12.67 24.07
N HIS B 59 -27.16 12.75 24.17
CA HIS B 59 -28.02 11.79 24.80
CA HIS B 59 -27.96 11.88 25.07
C HIS B 59 -27.38 10.40 24.98
C HIS B 59 -27.38 10.46 25.03
N ARG B 60 -26.05 10.34 25.00
CA ARG B 60 -25.33 9.04 24.97
C ARG B 60 -25.81 8.17 23.80
N LEU B 61 -26.18 8.73 22.64
CA LEU B 61 -26.28 7.99 21.34
C LEU B 61 -25.21 8.47 20.35
N PRO B 62 -24.52 7.56 19.65
CA PRO B 62 -23.48 7.96 18.72
C PRO B 62 -24.08 8.65 17.48
N HIS B 63 -23.47 9.74 17.06
CA HIS B 63 -23.77 10.50 15.83
C HIS B 63 -22.55 10.64 14.95
N VAL B 64 -22.70 10.46 13.64
CA VAL B 64 -21.59 10.69 12.66
C VAL B 64 -21.68 12.10 12.09
N LEU B 65 -20.54 12.81 11.97
CA LEU B 65 -20.45 14.15 11.37
C LEU B 65 -20.43 14.01 9.85
N LEU B 66 -21.47 14.53 9.17
CA LEU B 66 -21.57 14.60 7.68
C LEU B 66 -21.58 16.03 7.15
N LEU B 67 -21.00 16.20 5.96
CA LEU B 67 -21.05 17.45 5.19
C LEU B 67 -22.29 17.40 4.29
N GLN B 68 -23.23 18.32 4.48
CA GLN B 68 -24.47 18.47 3.70
C GLN B 68 -24.29 19.56 2.62
N LEU B 69 -24.55 19.19 1.39
CA LEU B 69 -24.67 20.11 0.23
C LEU B 69 -26.15 20.16 -0.16
N GLY B 70 -26.77 21.33 -0.06
CA GLY B 70 -28.16 21.58 -0.49
C GLY B 70 -29.16 21.00 0.49
N THR B 71 -30.20 20.32 -0.01
CA THR B 71 -31.25 19.66 0.81
C THR B 71 -30.87 18.20 1.06
N THR B 72 -30.25 17.56 0.06
CA THR B 72 -30.38 16.12 -0.22
C THR B 72 -29.01 15.41 -0.31
N PHE B 73 -27.90 16.11 -0.51
CA PHE B 73 -26.58 15.49 -0.78
C PHE B 73 -25.73 15.51 0.51
N PHE B 74 -25.21 14.34 0.91
CA PHE B 74 -24.32 14.10 2.09
C PHE B 74 -22.99 13.47 1.66
N LYS B 75 -21.85 13.94 2.18
CA LYS B 75 -20.53 13.26 1.98
C LYS B 75 -19.71 13.17 3.27
N LEU B 76 -18.79 12.21 3.34
CA LEU B 76 -17.78 12.20 4.42
C LEU B 76 -16.67 13.18 4.04
N PRO B 77 -16.00 13.78 5.02
CA PRO B 77 -14.78 14.55 4.76
C PRO B 77 -13.71 13.58 4.22
N GLY B 78 -13.10 13.95 3.10
CA GLY B 78 -12.00 13.19 2.48
C GLY B 78 -11.67 13.72 1.09
N GLY B 79 -11.06 12.88 0.25
CA GLY B 79 -10.61 13.26 -1.10
C GLY B 79 -9.54 12.33 -1.70
N GLU B 80 -8.81 12.79 -2.73
CA GLU B 80 -7.89 11.96 -3.55
C GLU B 80 -6.48 12.11 -2.96
N LEU B 81 -5.75 11.00 -2.84
CA LEU B 81 -4.31 11.01 -2.49
C LEU B 81 -3.47 11.46 -3.70
N ASN B 82 -2.37 12.15 -3.43
CA ASN B 82 -1.32 12.51 -4.41
C ASN B 82 -0.55 11.22 -4.77
N PRO B 83 0.06 11.11 -5.97
CA PRO B 83 0.87 9.95 -6.33
C PRO B 83 1.89 9.54 -5.25
N GLY B 84 1.87 8.28 -4.80
CA GLY B 84 2.77 7.75 -3.75
C GLY B 84 2.55 8.32 -2.33
N GLU B 85 1.48 9.08 -2.08
CA GLU B 85 1.25 9.66 -0.72
C GLU B 85 0.79 8.58 0.27
N ASP B 86 1.25 8.60 1.51
CA ASP B 86 0.78 7.64 2.54
C ASP B 86 -0.72 7.90 2.80
N GLU B 87 -1.52 6.82 2.91
CA GLU B 87 -3.00 6.93 3.15
C GLU B 87 -3.32 7.78 4.39
N VAL B 88 -2.75 7.42 5.55
CA VAL B 88 -3.03 8.12 6.84
C VAL B 88 -2.57 9.59 6.74
N GLU B 89 -1.36 9.86 6.25
CA GLU B 89 -0.89 11.27 6.20
C GLU B 89 -1.73 12.06 5.15
N GLY B 90 -2.19 11.40 4.09
CA GLY B 90 -3.05 12.05 3.08
C GLY B 90 -4.44 12.37 3.65
N LEU B 91 -5.04 11.47 4.43
CA LEU B 91 -6.34 11.79 5.13
C LEU B 91 -6.14 12.97 6.08
N LYS B 92 -5.06 13.02 6.87
CA LYS B 92 -4.76 14.17 7.77
C LYS B 92 -4.63 15.48 6.97
N ARG B 93 -3.93 15.49 5.82
CA ARG B 93 -3.85 16.71 4.95
C ARG B 93 -5.27 17.16 4.51
N LEU B 94 -6.11 16.25 4.03
CA LEU B 94 -7.44 16.55 3.48
C LEU B 94 -8.41 17.12 4.56
N MET B 95 -8.43 16.49 5.74
N MET B 95 -8.38 16.55 5.76
CA MET B 95 -9.24 16.91 6.92
CA MET B 95 -9.28 16.92 6.88
C MET B 95 -8.94 18.38 7.21
C MET B 95 -8.93 18.33 7.40
N THR B 96 -7.64 18.71 7.34
CA THR B 96 -7.17 20.08 7.64
C THR B 96 -7.58 20.99 6.47
N GLU B 97 -7.50 20.53 5.22
CA GLU B 97 -7.98 21.32 4.04
C GLU B 97 -9.46 21.63 4.17
N ILE B 98 -10.28 20.65 4.59
CA ILE B 98 -11.76 20.84 4.59
C ILE B 98 -12.20 21.55 5.89
N LEU B 99 -11.71 21.14 7.07
CA LEU B 99 -12.24 21.63 8.38
C LEU B 99 -11.24 22.43 9.18
N GLY B 100 -10.00 22.57 8.74
CA GLY B 100 -8.98 23.28 9.54
C GLY B 100 -9.09 24.80 9.41
N ARG B 101 -8.80 25.50 10.52
CA ARG B 101 -8.91 26.98 10.65
C ARG B 101 -7.65 27.57 10.03
N GLN B 102 -7.77 28.13 8.81
CA GLN B 102 -6.65 28.60 7.95
C GLN B 102 -6.36 30.07 8.25
N ASP B 103 -5.31 30.38 9.04
CA ASP B 103 -4.45 29.43 9.73
C ASP B 103 -4.54 29.72 11.23
N GLY B 104 -4.10 28.76 12.08
CA GLY B 104 -3.57 27.46 11.67
C GLY B 104 -2.92 26.72 12.83
N VAL B 105 -3.71 26.02 13.65
CA VAL B 105 -3.37 25.46 15.00
C VAL B 105 -2.05 24.69 15.01
N LEU B 106 -1.92 23.59 14.24
CA LEU B 106 -2.98 22.93 13.49
C LEU B 106 -3.55 21.79 14.35
N GLN B 107 -4.74 21.30 13.98
CA GLN B 107 -5.40 20.15 14.64
C GLN B 107 -4.50 18.92 14.46
N ASP B 108 -4.20 18.19 15.53
CA ASP B 108 -3.55 16.85 15.46
C ASP B 108 -4.68 15.81 15.42
N TRP B 109 -4.95 15.28 14.24
CA TRP B 109 -5.98 14.22 14.05
C TRP B 109 -5.38 12.90 14.51
N VAL B 110 -6.10 12.08 15.29
CA VAL B 110 -5.62 10.73 15.71
C VAL B 110 -6.33 9.70 14.83
N ILE B 111 -5.57 8.91 14.05
CA ILE B 111 -6.15 7.91 13.10
C ILE B 111 -5.43 6.57 13.27
N ASP B 112 -6.05 5.61 13.97
CA ASP B 112 -5.49 4.26 14.27
C ASP B 112 -6.38 3.06 13.85
N ASP B 113 -7.52 3.25 13.16
CA ASP B 113 -8.45 2.12 12.84
C ASP B 113 -8.97 2.23 11.38
N CYS B 114 -8.83 1.16 10.59
CA CYS B 114 -9.47 0.89 9.28
C CYS B 114 -10.90 0.41 9.59
N ILE B 115 -11.92 1.09 9.07
CA ILE B 115 -13.38 0.74 9.15
C ILE B 115 -13.74 -0.19 7.98
N GLY B 116 -13.30 0.11 6.74
CA GLY B 116 -13.66 -0.65 5.53
C GLY B 116 -13.03 -0.14 4.24
N ASN B 117 -13.37 -0.84 3.15
CA ASN B 117 -12.73 -0.67 1.82
C ASN B 117 -13.85 -0.79 0.77
N TRP B 118 -13.88 0.09 -0.22
CA TRP B 118 -14.85 0.00 -1.34
C TRP B 118 -14.07 0.10 -2.66
N TRP B 119 -14.51 -0.66 -3.66
CA TRP B 119 -13.92 -0.68 -5.03
C TRP B 119 -14.93 -0.34 -6.15
N ARG B 120 -14.43 0.38 -7.14
CA ARG B 120 -15.19 0.78 -8.36
C ARG B 120 -14.65 -0.01 -9.55
N PRO B 121 -15.39 -1.02 -10.05
CA PRO B 121 -14.86 -1.84 -11.13
C PRO B 121 -14.71 -1.10 -12.47
N ASN B 122 -15.64 -0.18 -12.79
CA ASN B 122 -15.73 0.50 -14.12
C ASN B 122 -15.77 2.02 -13.95
N PHE B 123 -15.80 2.76 -15.07
CA PHE B 123 -15.89 4.25 -15.06
C PHE B 123 -17.38 4.58 -14.98
N GLU B 124 -18.06 4.10 -13.92
CA GLU B 124 -19.52 4.17 -13.68
C GLU B 124 -19.74 4.34 -12.18
N PRO B 125 -20.96 4.73 -11.72
CA PRO B 125 -21.20 4.99 -10.30
C PRO B 125 -21.04 3.78 -9.38
N PRO B 126 -21.41 2.54 -9.77
CA PRO B 126 -21.45 1.44 -8.80
C PRO B 126 -20.09 1.15 -8.11
N GLN B 127 -20.15 1.05 -6.78
CA GLN B 127 -19.00 0.66 -5.91
C GLN B 127 -19.40 -0.51 -5.02
N TYR B 128 -18.45 -1.41 -4.68
CA TYR B 128 -18.71 -2.69 -3.98
C TYR B 128 -17.73 -2.84 -2.80
N PRO B 129 -18.14 -3.50 -1.69
CA PRO B 129 -17.27 -3.68 -0.51
C PRO B 129 -16.31 -4.88 -0.63
N TYR B 130 -15.94 -5.23 -1.84
CA TYR B 130 -15.19 -6.45 -2.25
C TYR B 130 -14.66 -6.18 -3.68
N ILE B 131 -13.60 -6.88 -4.12
CA ILE B 131 -13.10 -6.82 -5.54
C ILE B 131 -13.96 -7.79 -6.34
N PRO B 132 -14.75 -7.34 -7.32
CA PRO B 132 -15.65 -8.29 -8.00
C PRO B 132 -14.88 -9.33 -8.85
N ALA B 133 -15.52 -10.49 -9.06
CA ALA B 133 -15.02 -11.65 -9.84
C ALA B 133 -14.42 -11.17 -11.18
N HIS B 134 -13.21 -11.62 -11.49
CA HIS B 134 -12.43 -11.34 -12.74
C HIS B 134 -12.20 -9.85 -12.96
N ILE B 135 -12.27 -9.02 -11.92
CA ILE B 135 -11.88 -7.59 -12.12
C ILE B 135 -10.41 -7.39 -11.70
N THR B 136 -9.52 -7.22 -12.68
CA THR B 136 -8.06 -7.20 -12.42
C THR B 136 -7.61 -5.76 -12.29
N LYS B 137 -8.26 -4.81 -12.98
CA LYS B 137 -7.84 -3.38 -12.93
C LYS B 137 -8.98 -2.50 -12.40
N PRO B 138 -9.35 -2.52 -11.09
CA PRO B 138 -10.43 -1.64 -10.58
C PRO B 138 -10.06 -0.17 -10.88
N LYS B 139 -11.00 0.76 -11.09
CA LYS B 139 -10.66 2.16 -11.46
C LYS B 139 -10.48 3.07 -10.22
N GLU B 140 -10.95 2.62 -9.06
CA GLU B 140 -10.87 3.39 -7.80
C GLU B 140 -10.91 2.43 -6.60
N HIS B 141 -10.08 2.71 -5.61
CA HIS B 141 -10.06 2.07 -4.27
C HIS B 141 -10.25 3.15 -3.18
N LYS B 142 -11.29 3.00 -2.37
CA LYS B 142 -11.64 3.99 -1.34
C LYS B 142 -11.48 3.33 0.03
N LYS B 143 -10.75 3.97 0.92
CA LYS B 143 -10.46 3.45 2.29
C LYS B 143 -11.12 4.36 3.33
N LEU B 144 -11.81 3.77 4.29
CA LEU B 144 -12.52 4.48 5.40
C LEU B 144 -11.74 4.25 6.69
N PHE B 145 -11.53 5.33 7.43
CA PHE B 145 -10.85 5.34 8.74
C PHE B 145 -11.71 5.99 9.85
N LEU B 146 -11.65 5.45 11.07
CA LEU B 146 -12.23 6.12 12.26
C LEU B 146 -11.25 7.18 12.77
N VAL B 147 -11.68 8.43 12.81
CA VAL B 147 -10.86 9.58 13.31
C VAL B 147 -11.29 9.89 14.74
N GLN B 148 -10.40 9.67 15.72
CA GLN B 148 -10.67 9.94 17.16
C GLN B 148 -10.52 11.45 17.42
N LEU B 149 -11.53 12.07 18.05
CA LEU B 149 -11.50 13.53 18.32
C LEU B 149 -10.95 13.80 19.72
N GLN B 150 -10.37 14.97 19.88
CA GLN B 150 -9.97 15.55 21.20
C GLN B 150 -11.23 15.91 21.97
N GLU B 151 -11.12 16.07 23.27
CA GLU B 151 -12.28 16.42 24.13
C GLU B 151 -12.98 17.70 23.63
N LYS B 152 -12.24 18.69 23.10
CA LYS B 152 -12.72 19.97 22.51
C LYS B 152 -11.98 20.24 21.22
N ALA B 153 -12.67 20.80 20.21
CA ALA B 153 -12.03 21.27 18.97
C ALA B 153 -12.86 22.39 18.32
N LEU B 154 -12.22 23.25 17.53
CA LEU B 154 -12.90 24.25 16.70
C LEU B 154 -12.79 23.78 15.23
N PHE B 155 -13.91 23.59 14.54
CA PHE B 155 -13.95 23.27 13.08
C PHE B 155 -14.33 24.51 12.27
N ALA B 156 -13.62 24.76 11.16
CA ALA B 156 -13.91 25.86 10.22
C ALA B 156 -14.60 25.26 8.99
N VAL B 157 -15.90 25.43 8.83
CA VAL B 157 -16.71 24.72 7.79
C VAL B 157 -16.85 25.64 6.58
N PRO B 158 -16.49 25.17 5.35
CA PRO B 158 -16.73 25.93 4.13
C PRO B 158 -18.20 26.39 4.02
N LYS B 159 -18.36 27.69 3.75
CA LYS B 159 -19.67 28.43 3.72
C LYS B 159 -20.73 27.67 2.90
N ASN B 160 -20.37 26.97 1.84
CA ASN B 160 -21.38 26.34 0.96
C ASN B 160 -21.82 24.97 1.53
N TYR B 161 -21.22 24.53 2.63
CA TYR B 161 -21.61 23.28 3.34
C TYR B 161 -22.15 23.60 4.72
N LYS B 162 -22.99 22.70 5.27
CA LYS B 162 -23.29 22.59 6.73
C LYS B 162 -22.75 21.25 7.27
N LEU B 163 -22.08 21.25 8.43
CA LEU B 163 -21.74 19.99 9.16
C LEU B 163 -22.98 19.55 9.95
N VAL B 164 -23.53 18.36 9.72
CA VAL B 164 -24.67 17.82 10.52
C VAL B 164 -24.24 16.58 11.29
N ALA B 165 -24.79 16.43 12.48
CA ALA B 165 -24.53 15.27 13.35
C ALA B 165 -25.69 14.31 13.18
N ALA B 166 -25.47 13.18 12.51
CA ALA B 166 -26.52 12.22 12.17
C ALA B 166 -26.48 11.05 13.12
N PRO B 167 -27.61 10.76 13.78
CA PRO B 167 -27.66 9.58 14.64
C PRO B 167 -27.64 8.29 13.82
N LEU B 168 -27.12 7.18 14.40
CA LEU B 168 -26.95 5.91 13.63
C LEU B 168 -28.30 5.39 13.15
N PHE B 169 -29.40 5.54 13.92
CA PHE B 169 -30.73 4.99 13.55
C PHE B 169 -31.24 5.65 12.28
N GLU B 170 -30.85 6.88 11.96
CA GLU B 170 -31.30 7.56 10.72
C GLU B 170 -30.57 6.99 9.50
N LEU B 171 -29.26 6.76 9.63
CA LEU B 171 -28.41 6.20 8.53
C LEU B 171 -28.92 4.80 8.18
N TYR B 172 -29.16 3.96 9.17
CA TYR B 172 -29.58 2.56 8.96
C TYR B 172 -30.94 2.51 8.22
N ASP B 173 -31.13 1.36 7.62
CA ASP B 173 -31.04 1.07 6.16
C ASP B 173 -31.85 2.10 5.36
N ASN B 174 -31.09 3.05 4.82
CA ASN B 174 -31.57 4.31 4.26
C ASN B 174 -30.54 4.63 3.17
N ALA B 175 -30.18 3.57 2.45
CA ALA B 175 -29.36 3.72 1.22
C ALA B 175 -30.06 4.78 0.40
N PRO B 176 -31.42 4.79 0.31
CA PRO B 176 -32.06 5.73 -0.59
C PRO B 176 -31.56 7.11 -0.15
N GLY B 177 -31.57 7.43 1.16
CA GLY B 177 -31.19 8.75 1.65
C GLY B 177 -29.69 9.01 1.52
N TYR B 178 -28.84 8.03 1.86
CA TYR B 178 -27.42 8.32 2.20
C TYR B 178 -26.45 7.60 1.26
N GLY B 179 -26.94 6.65 0.46
CA GLY B 179 -26.12 5.78 -0.42
C GLY B 179 -25.56 4.57 0.33
N PRO B 180 -24.95 3.60 -0.37
CA PRO B 180 -24.52 2.36 0.27
C PRO B 180 -23.34 2.41 1.25
N ILE B 181 -22.46 3.40 1.13
CA ILE B 181 -21.29 3.60 2.04
C ILE B 181 -21.74 4.24 3.38
N ILE B 182 -22.37 5.41 3.33
CA ILE B 182 -22.79 6.10 4.58
C ILE B 182 -23.86 5.25 5.29
N SER B 183 -24.73 4.55 4.56
CA SER B 183 -25.84 3.82 5.23
C SER B 183 -25.37 2.51 5.88
N SER B 184 -24.17 2.00 5.56
CA SER B 184 -23.62 0.81 6.25
C SER B 184 -22.61 1.20 7.38
N LEU B 185 -22.46 2.49 7.69
CA LEU B 185 -21.62 2.86 8.86
C LEU B 185 -22.13 2.27 10.18
N PRO B 186 -23.43 2.19 10.51
CA PRO B 186 -23.85 1.57 11.77
C PRO B 186 -23.28 0.15 11.95
N GLN B 187 -23.42 -0.70 10.93
CA GLN B 187 -22.85 -2.08 10.96
C GLN B 187 -21.32 -1.99 11.24
N LEU B 188 -20.61 -1.13 10.53
CA LEU B 188 -19.12 -1.02 10.55
C LEU B 188 -18.65 -0.46 11.92
N LEU B 189 -19.48 0.32 12.61
CA LEU B 189 -19.17 0.90 13.93
C LEU B 189 -19.58 -0.01 15.09
N SER B 190 -20.37 -1.07 14.86
CA SER B 190 -20.97 -1.88 15.94
C SER B 190 -19.91 -2.62 16.76
N ARG B 191 -18.74 -2.95 16.19
CA ARG B 191 -17.68 -3.68 16.95
C ARG B 191 -16.96 -2.81 18.00
N PHE B 192 -17.11 -1.49 17.98
CA PHE B 192 -16.34 -0.60 18.90
C PHE B 192 -17.03 -0.48 20.27
N ASN B 193 -16.24 -0.40 21.35
CA ASN B 193 -16.74 -0.13 22.72
C ASN B 193 -16.68 1.40 22.90
N PHE B 194 -17.81 2.09 22.78
CA PHE B 194 -17.87 3.57 22.89
C PHE B 194 -18.00 3.98 24.37
N ILE B 195 -17.19 4.94 24.79
CA ILE B 195 -17.22 5.59 26.14
C ILE B 195 -17.88 6.97 25.98
N TYR B 196 -18.94 7.23 26.73
CA TYR B 196 -19.76 8.49 26.63
C TYR B 196 -19.30 9.44 27.75
N ASN B 197 -18.44 10.38 27.40
CA ASN B 197 -17.83 11.34 28.33
C ASN B 197 -18.74 12.53 28.52
#